data_5OLY
#
_entry.id   5OLY
#
_cell.length_a   57.737
_cell.length_b   36.714
_cell.length_c   107.853
_cell.angle_alpha   90.00
_cell.angle_beta   105.27
_cell.angle_gamma   90.00
#
_symmetry.space_group_name_H-M   'P 1 21 1'
#
loop_
_entity.id
_entity.type
_entity.pdbx_description
1 polymer Beta-phosphoglucomutase
2 non-polymer TRIFLUOROMAGNESATE
3 non-polymer 'MAGNESIUM ION'
4 non-polymer 6-O-phosphono-alpha-D-glucopyranose
5 water water
#
_entity_poly.entity_id   1
_entity_poly.type   'polypeptide(L)'
_entity_poly.pdbx_seq_one_letter_code
;MFKAVLFDLDGVITDTAEYHFRA(FTR)KALAEEIGINGVDRQFNEQLKGVSREDSLQKILDLADKKVSAEEFKELAKRK
NDNYVKMIQDVSPADVYPGILQLLKDLRSNKIKIALASASKNGPFLLERMNLTGYFDAIADPAEVAASKPAPDIFIAAAH
AVGVAPSESIGLEDSQAGIQAIKDSGALPIGVGRPEDLGDDIVIVPDTSHYTLEFLKEV(FTR)LQKQK
;
_entity_poly.pdbx_strand_id   A,G
#
loop_
_chem_comp.id
_chem_comp.type
_chem_comp.name
_chem_comp.formula
G6P D-saccharide, alpha linking 6-O-phosphono-alpha-D-glucopyranose 'C6 H13 O9 P'
MG non-polymer 'MAGNESIUM ION' 'Mg 2'
MGF non-polymer TRIFLUOROMAGNESATE 'F3 Mg -1'
#
# COMPACT_ATOMS: atom_id res chain seq x y z
N MET A 1 -8.12 12.68 8.49
CA MET A 1 -8.25 11.20 8.33
C MET A 1 -9.72 10.78 8.19
N PHE A 2 -9.98 9.70 7.44
CA PHE A 2 -11.36 9.26 7.28
C PHE A 2 -11.95 8.93 8.64
N LYS A 3 -13.23 9.18 8.75
CA LYS A 3 -13.92 9.10 10.02
C LYS A 3 -14.89 7.94 10.13
N ALA A 4 -15.10 7.20 9.04
CA ALA A 4 -15.99 6.05 9.10
C ALA A 4 -15.63 5.08 7.99
N VAL A 5 -15.98 3.83 8.22
CA VAL A 5 -15.89 2.77 7.24
C VAL A 5 -17.26 2.16 7.08
N LEU A 6 -17.73 2.12 5.83
CA LEU A 6 -19.05 1.65 5.48
C LEU A 6 -18.83 0.28 4.86
N PHE A 7 -19.22 -0.77 5.58
CA PHE A 7 -18.97 -2.12 5.16
C PHE A 7 -20.14 -2.64 4.34
N ASP A 8 -19.85 -3.15 3.16
CA ASP A 8 -20.73 -4.13 2.58
C ASP A 8 -20.58 -5.42 3.40
N LEU A 9 -21.51 -6.34 3.25
CA LEU A 9 -21.44 -7.59 4.00
C LEU A 9 -21.06 -8.76 3.08
N ASP A 10 -21.94 -9.13 2.19
CA ASP A 10 -21.74 -10.36 1.41
C ASP A 10 -20.56 -10.20 0.47
N GLY A 11 -19.55 -11.04 0.65
CA GLY A 11 -18.35 -11.04 -0.13
C GLY A 11 -17.28 -10.10 0.39
N VAL A 12 -17.54 -9.44 1.51
CA VAL A 12 -16.59 -8.51 2.11
C VAL A 12 -16.29 -9.04 3.52
N ILE A 13 -17.32 -9.12 4.36
CA ILE A 13 -17.26 -9.67 5.72
C ILE A 13 -17.22 -11.20 5.74
N THR A 14 -17.95 -11.86 4.85
CA THR A 14 -17.99 -13.33 4.81
C THR A 14 -18.32 -13.75 3.39
N ASP A 15 -18.18 -15.05 3.12
CA ASP A 15 -18.32 -15.60 1.76
C ASP A 15 -19.75 -15.89 1.34
N THR A 16 -20.68 -15.02 1.69
CA THR A 16 -22.11 -15.21 1.43
C THR A 16 -22.56 -14.73 0.04
N ALA A 17 -21.71 -14.02 -0.69
CA ALA A 17 -22.01 -13.74 -2.10
C ALA A 17 -22.17 -15.04 -2.88
N GLU A 18 -21.38 -16.04 -2.47
CA GLU A 18 -21.42 -17.36 -3.10
C GLU A 18 -22.76 -18.01 -2.82
N TYR A 19 -23.27 -17.85 -1.60
CA TYR A 19 -24.53 -18.43 -1.23
C TYR A 19 -25.68 -17.77 -1.99
N HIS A 20 -25.64 -16.45 -2.12
CA HIS A 20 -26.65 -15.78 -2.93
C HIS A 20 -26.62 -16.27 -4.36
N PHE A 21 -25.44 -16.41 -4.92
CA PHE A 21 -25.30 -16.86 -6.29
C PHE A 21 -25.89 -18.25 -6.47
N ARG A 22 -25.51 -19.19 -5.61
CA ARG A 22 -26.12 -20.53 -5.68
C ARG A 22 -27.63 -20.44 -5.67
N ALA A 23 -28.18 -19.73 -4.71
CA ALA A 23 -29.62 -19.65 -4.54
C ALA A 23 -30.29 -19.08 -5.77
N FTR A 24 -29.73 -18.02 -6.32
CA FTR A 24 -30.34 -17.35 -7.47
CB FTR A 24 -29.68 -16.02 -7.78
CG FTR A 24 -30.30 -14.88 -6.98
CD2 FTR A 24 -31.57 -14.45 -6.78
CE2 FTR A 24 -31.52 -13.38 -5.92
CE3 FTR A 24 -32.81 -14.86 -7.29
CD1 FTR A 24 -29.46 -14.09 -6.23
NE1 FTR A 24 -30.22 -13.17 -5.59
CZ2 FTR A 24 -32.69 -12.70 -5.54
CZ3 FTR A 24 -33.96 -14.19 -6.92
F FTR A 24 -35.20 -14.54 -7.36
CH2 FTR A 24 -33.90 -13.13 -6.04
C FTR A 24 -30.27 -18.30 -8.68
O FTR A 24 -31.24 -18.37 -9.49
N LYS A 25 -29.15 -19.04 -8.79
CA LYS A 25 -28.91 -19.97 -9.89
C LYS A 25 -29.95 -21.11 -9.82
N ALA A 26 -30.16 -21.67 -8.63
CA ALA A 26 -31.13 -22.75 -8.44
C ALA A 26 -32.56 -22.26 -8.71
N LEU A 27 -32.87 -21.03 -8.34
CA LEU A 27 -34.20 -20.48 -8.63
C LEU A 27 -34.41 -20.28 -10.13
N ALA A 28 -33.43 -19.71 -10.81
CA ALA A 28 -33.54 -19.44 -12.23
C ALA A 28 -33.85 -20.71 -13.02
N GLU A 29 -33.05 -21.76 -12.81
CA GLU A 29 -33.26 -23.03 -13.49
C GLU A 29 -34.66 -23.60 -13.20
N GLU A 30 -35.19 -23.41 -11.99
CA GLU A 30 -36.52 -23.92 -11.70
C GLU A 30 -37.57 -23.32 -12.62
N ILE A 31 -37.46 -22.04 -12.94
CA ILE A 31 -38.35 -21.41 -13.90
C ILE A 31 -37.73 -21.46 -15.30
N GLY A 32 -36.77 -22.36 -15.49
CA GLY A 32 -36.26 -22.64 -16.82
C GLY A 32 -35.21 -21.72 -17.37
N ILE A 33 -34.60 -20.86 -16.55
CA ILE A 33 -33.58 -19.94 -17.02
C ILE A 33 -32.21 -20.52 -16.67
N ASN A 34 -31.40 -20.77 -17.71
CA ASN A 34 -30.14 -21.50 -17.59
C ASN A 34 -28.91 -20.61 -17.64
N GLY A 35 -29.06 -19.31 -17.94
CA GLY A 35 -27.89 -18.48 -18.11
C GLY A 35 -27.36 -17.70 -16.91
N VAL A 36 -27.72 -18.08 -15.69
CA VAL A 36 -27.19 -17.40 -14.48
C VAL A 36 -25.89 -18.09 -14.12
N ASP A 37 -24.81 -17.69 -14.80
CA ASP A 37 -23.47 -18.20 -14.52
C ASP A 37 -22.68 -17.14 -13.74
N ARG A 38 -21.43 -17.48 -13.41
CA ARG A 38 -20.58 -16.59 -12.60
C ARG A 38 -20.47 -15.22 -13.24
N GLN A 39 -20.28 -15.19 -14.56
CA GLN A 39 -20.08 -13.93 -15.28
C GLN A 39 -21.31 -13.06 -15.20
N PHE A 40 -22.50 -13.66 -15.38
CA PHE A 40 -23.72 -12.89 -15.23
C PHE A 40 -23.94 -12.47 -13.78
N ASN A 41 -23.52 -13.31 -12.82
CA ASN A 41 -23.72 -12.96 -11.40
C ASN A 41 -23.01 -11.66 -11.00
N GLU A 42 -21.98 -11.26 -11.72
CA GLU A 42 -21.34 -9.99 -11.42
C GLU A 42 -22.33 -8.85 -11.50
N GLN A 43 -23.37 -8.99 -12.32
CA GLN A 43 -24.46 -8.01 -12.45
C GLN A 43 -25.47 -8.12 -11.33
N LEU A 44 -25.45 -9.21 -10.58
CA LEU A 44 -26.33 -9.40 -9.45
C LEU A 44 -25.70 -9.02 -8.12
N LYS A 45 -24.38 -9.09 -7.98
CA LYS A 45 -23.75 -8.71 -6.72
C LYS A 45 -24.16 -7.30 -6.33
N GLY A 46 -24.58 -7.16 -5.06
CA GLY A 46 -25.01 -5.90 -4.49
C GLY A 46 -26.44 -5.50 -4.77
N VAL A 47 -27.12 -6.20 -5.63
CA VAL A 47 -28.43 -5.79 -6.10
C VAL A 47 -29.50 -6.35 -5.15
N SER A 48 -30.53 -5.57 -4.89
CA SER A 48 -31.60 -6.01 -4.01
C SER A 48 -32.31 -7.26 -4.54
N ARG A 49 -33.04 -7.93 -3.63
CA ARG A 49 -33.70 -9.18 -3.95
C ARG A 49 -34.60 -9.02 -5.19
N GLU A 50 -35.57 -8.11 -5.13
CA GLU A 50 -36.53 -7.97 -6.23
C GLU A 50 -35.85 -7.57 -7.53
N ASP A 51 -34.89 -6.65 -7.47
CA ASP A 51 -34.16 -6.23 -8.67
C ASP A 51 -33.32 -7.36 -9.25
N SER A 52 -32.75 -8.22 -8.39
CA SER A 52 -31.96 -9.33 -8.89
C SER A 52 -32.86 -10.29 -9.66
N LEU A 53 -34.04 -10.57 -9.11
CA LEU A 53 -35.01 -11.40 -9.80
C LEU A 53 -35.42 -10.77 -11.14
N GLN A 54 -35.62 -9.45 -11.17
CA GLN A 54 -36.08 -8.82 -12.41
C GLN A 54 -35.01 -8.92 -13.47
N LYS A 55 -33.75 -8.79 -13.08
CA LYS A 55 -32.63 -8.98 -13.99
C LYS A 55 -32.60 -10.38 -14.55
N ILE A 56 -32.80 -11.38 -13.70
CA ILE A 56 -32.84 -12.76 -14.15
C ILE A 56 -33.97 -12.94 -15.17
N LEU A 57 -35.17 -12.43 -14.86
CA LEU A 57 -36.28 -12.48 -15.80
C LEU A 57 -35.94 -11.78 -17.11
N ASP A 58 -35.36 -10.58 -17.02
CA ASP A 58 -35.02 -9.83 -18.22
C ASP A 58 -33.97 -10.56 -19.06
N LEU A 59 -33.05 -11.29 -18.42
CA LEU A 59 -32.11 -12.12 -19.16
C LEU A 59 -32.82 -13.03 -20.16
N ALA A 60 -33.94 -13.61 -19.75
CA ALA A 60 -34.69 -14.53 -20.60
C ALA A 60 -35.92 -13.87 -21.21
N ASP A 61 -36.06 -12.56 -21.04
CA ASP A 61 -37.22 -11.81 -21.52
C ASP A 61 -38.53 -12.41 -21.03
N LYS A 62 -38.51 -12.95 -19.83
CA LYS A 62 -39.68 -13.55 -19.21
C LYS A 62 -40.49 -12.54 -18.43
N LYS A 63 -41.81 -12.71 -18.48
CA LYS A 63 -42.74 -11.86 -17.75
C LYS A 63 -43.56 -12.77 -16.87
N VAL A 64 -43.82 -12.30 -15.65
CA VAL A 64 -44.59 -13.09 -14.70
C VAL A 64 -45.54 -12.13 -13.98
N SER A 65 -46.57 -12.71 -13.38
CA SER A 65 -47.51 -11.92 -12.59
C SER A 65 -46.84 -11.34 -11.35
N ALA A 66 -47.46 -10.31 -10.80
CA ALA A 66 -46.94 -9.73 -9.57
C ALA A 66 -46.95 -10.77 -8.45
N GLU A 67 -47.94 -11.64 -8.45
CA GLU A 67 -48.04 -12.68 -7.43
C GLU A 67 -46.90 -13.68 -7.59
N GLU A 68 -46.66 -14.16 -8.80
CA GLU A 68 -45.55 -15.09 -8.96
C GLU A 68 -44.23 -14.41 -8.65
N PHE A 69 -44.10 -13.12 -8.97
CA PHE A 69 -42.84 -12.42 -8.71
C PHE A 69 -42.53 -12.41 -7.22
N LYS A 70 -43.50 -12.01 -6.38
CA LYS A 70 -43.35 -12.18 -4.92
C LYS A 70 -43.01 -13.60 -4.57
N GLU A 71 -43.73 -14.56 -5.16
CA GLU A 71 -43.56 -15.96 -4.76
C GLU A 71 -42.16 -16.44 -5.09
N LEU A 72 -41.59 -15.97 -6.20
CA LEU A 72 -40.23 -16.41 -6.54
C LEU A 72 -39.20 -15.77 -5.62
N ALA A 73 -39.35 -14.48 -5.31
CA ALA A 73 -38.43 -13.84 -4.38
C ALA A 73 -38.47 -14.53 -3.02
N LYS A 74 -39.68 -14.89 -2.56
CA LYS A 74 -39.77 -15.56 -1.27
C LYS A 74 -39.12 -16.93 -1.34
N ARG A 75 -39.32 -17.64 -2.45
CA ARG A 75 -38.73 -18.96 -2.63
C ARG A 75 -37.21 -18.91 -2.53
N LYS A 76 -36.59 -17.97 -3.25
CA LYS A 76 -35.14 -17.80 -3.18
C LYS A 76 -34.69 -17.51 -1.75
N ASN A 77 -35.42 -16.62 -1.06
CA ASN A 77 -34.99 -16.20 0.27
C ASN A 77 -35.09 -17.35 1.26
N ASP A 78 -36.22 -18.08 1.25
CA ASP A 78 -36.34 -19.28 2.07
C ASP A 78 -35.18 -20.23 1.88
N ASN A 79 -34.77 -20.46 0.62
CA ASN A 79 -33.60 -21.28 0.34
C ASN A 79 -32.31 -20.63 0.84
N TYR A 80 -32.13 -19.34 0.55
CA TYR A 80 -30.93 -18.64 1.03
C TYR A 80 -30.83 -18.72 2.54
N VAL A 81 -31.94 -18.45 3.25
CA VAL A 81 -31.93 -18.45 4.70
C VAL A 81 -31.53 -19.82 5.25
N LYS A 82 -32.11 -20.90 4.69
CA LYS A 82 -31.65 -22.24 5.02
C LYS A 82 -30.12 -22.33 4.86
N MET A 83 -29.61 -21.90 3.71
CA MET A 83 -28.18 -22.08 3.44
C MET A 83 -27.34 -21.46 4.54
N ILE A 84 -27.78 -20.35 5.14
CA ILE A 84 -26.90 -19.58 6.01
C ILE A 84 -27.09 -19.93 7.48
N GLN A 85 -27.85 -20.98 7.76
CA GLN A 85 -28.11 -21.30 9.16
C GLN A 85 -26.85 -21.74 9.87
N ASP A 86 -25.89 -22.29 9.15
CA ASP A 86 -24.65 -22.79 9.73
C ASP A 86 -23.57 -21.73 9.89
N VAL A 87 -23.76 -20.52 9.35
CA VAL A 87 -22.73 -19.48 9.43
C VAL A 87 -22.30 -19.28 10.87
N SER A 88 -20.99 -19.11 11.08
CA SER A 88 -20.51 -18.84 12.43
C SER A 88 -19.27 -17.96 12.41
N PRO A 89 -18.69 -17.65 13.58
CA PRO A 89 -17.46 -16.83 13.58
C PRO A 89 -16.36 -17.41 12.75
N ALA A 90 -16.38 -18.73 12.53
CA ALA A 90 -15.40 -19.41 11.68
C ALA A 90 -15.48 -18.93 10.24
N ASP A 91 -16.61 -18.37 9.82
CA ASP A 91 -16.76 -17.97 8.42
C ASP A 91 -16.40 -16.50 8.15
N VAL A 92 -15.97 -15.75 9.16
CA VAL A 92 -15.53 -14.39 8.90
C VAL A 92 -14.26 -14.43 8.04
N TYR A 93 -14.25 -13.65 6.98
CA TYR A 93 -13.11 -13.57 6.10
C TYR A 93 -11.86 -13.12 6.86
N PRO A 94 -10.70 -13.48 6.34
CA PRO A 94 -9.47 -13.10 7.01
C PRO A 94 -9.30 -11.59 7.02
N GLY A 95 -8.80 -11.08 8.14
CA GLY A 95 -8.54 -9.66 8.30
C GLY A 95 -9.70 -8.85 8.83
N ILE A 96 -10.92 -9.34 8.66
CA ILE A 96 -12.09 -8.51 8.92
C ILE A 96 -12.25 -8.22 10.41
N LEU A 97 -12.06 -9.25 11.25
CA LEU A 97 -12.22 -9.04 12.69
C LEU A 97 -11.17 -8.06 13.23
N GLN A 98 -9.90 -8.26 12.87
CA GLN A 98 -8.85 -7.37 13.34
C GLN A 98 -9.09 -5.93 12.89
N LEU A 99 -9.56 -5.76 11.67
CA LEU A 99 -9.87 -4.43 11.16
C LEU A 99 -10.92 -3.77 12.00
N LEU A 100 -12.00 -4.49 12.28
CA LEU A 100 -13.07 -3.92 13.08
C LEU A 100 -12.55 -3.52 14.45
N LYS A 101 -11.73 -4.38 15.06
CA LYS A 101 -11.15 -4.06 16.36
C LYS A 101 -10.30 -2.79 16.28
N ASP A 102 -9.44 -2.70 15.25
CA ASP A 102 -8.53 -1.57 15.10
C ASP A 102 -9.31 -0.27 14.85
N LEU A 103 -10.38 -0.34 14.07
CA LEU A 103 -11.23 0.82 13.81
C LEU A 103 -11.91 1.28 15.09
N ARG A 104 -12.46 0.33 15.84
CA ARG A 104 -13.09 0.69 17.10
C ARG A 104 -12.06 1.18 18.11
N SER A 105 -10.87 0.58 18.10
CA SER A 105 -9.76 1.07 18.91
C SER A 105 -9.34 2.48 18.51
N ASN A 106 -9.37 2.81 17.23
CA ASN A 106 -9.00 4.14 16.79
C ASN A 106 -10.19 5.09 16.72
N LYS A 107 -11.34 4.70 17.29
CA LYS A 107 -12.54 5.53 17.33
C LYS A 107 -12.99 5.97 15.95
N ILE A 108 -12.95 5.05 14.99
CA ILE A 108 -13.47 5.29 13.65
C ILE A 108 -14.81 4.57 13.55
N LYS A 109 -15.81 5.27 13.03
CA LYS A 109 -17.15 4.72 13.00
C LYS A 109 -17.21 3.55 12.02
N ILE A 110 -18.03 2.57 12.35
CA ILE A 110 -18.24 1.36 11.56
C ILE A 110 -19.72 1.26 11.27
N ALA A 111 -20.09 1.24 9.98
CA ALA A 111 -21.48 1.15 9.60
C ALA A 111 -21.66 0.07 8.52
N LEU A 112 -22.81 -0.58 8.58
CA LEU A 112 -23.15 -1.57 7.57
C LEU A 112 -23.96 -0.91 6.46
N ALA A 113 -23.54 -1.17 5.24
CA ALA A 113 -24.21 -0.66 4.06
C ALA A 113 -24.51 -1.85 3.16
N SER A 114 -25.21 -2.82 3.74
CA SER A 114 -25.59 -4.07 3.08
C SER A 114 -27.00 -3.92 2.55
N ALA A 115 -27.21 -4.25 1.27
CA ALA A 115 -28.56 -4.31 0.76
C ALA A 115 -29.33 -5.51 1.29
N SER A 116 -28.68 -6.41 2.03
CA SER A 116 -29.29 -7.66 2.44
C SER A 116 -30.14 -7.46 3.70
N LYS A 117 -31.41 -7.83 3.60
CA LYS A 117 -32.32 -7.83 4.76
C LYS A 117 -31.94 -8.92 5.74
N ASN A 118 -31.11 -9.85 5.32
CA ASN A 118 -30.57 -10.85 6.22
C ASN A 118 -29.28 -10.41 6.90
N GLY A 119 -28.87 -9.15 6.72
CA GLY A 119 -27.62 -8.66 7.24
C GLY A 119 -27.47 -8.78 8.75
N PRO A 120 -28.44 -8.29 9.54
CA PRO A 120 -28.29 -8.38 11.01
C PRO A 120 -28.26 -9.81 11.49
N PHE A 121 -28.99 -10.68 10.84
CA PHE A 121 -28.93 -12.07 11.27
C PHE A 121 -27.52 -12.62 11.10
N LEU A 122 -26.88 -12.35 9.96
CA LEU A 122 -25.52 -12.84 9.74
C LEU A 122 -24.53 -12.20 10.71
N LEU A 123 -24.67 -10.91 10.98
CA LEU A 123 -23.72 -10.31 11.92
C LEU A 123 -23.81 -11.02 13.27
N GLU A 124 -25.02 -11.33 13.72
CA GLU A 124 -25.17 -12.01 15.02
C GLU A 124 -24.59 -13.42 14.99
N ARG A 125 -24.85 -14.18 13.94
CA ARG A 125 -24.27 -15.54 13.83
C ARG A 125 -22.75 -15.50 13.79
N MET A 126 -22.18 -14.44 13.23
CA MET A 126 -20.73 -14.28 13.22
C MET A 126 -20.24 -13.55 14.45
N ASN A 127 -21.16 -13.17 15.34
CA ASN A 127 -20.78 -12.52 16.58
C ASN A 127 -20.00 -11.24 16.31
N LEU A 128 -20.47 -10.45 15.34
CA LEU A 128 -19.87 -9.17 15.01
C LEU A 128 -20.78 -8.01 15.34
N THR A 129 -21.98 -8.25 15.84
CA THR A 129 -22.94 -7.16 16.01
C THR A 129 -22.34 -6.04 16.85
N GLY A 130 -21.58 -6.39 17.90
CA GLY A 130 -21.09 -5.37 18.80
C GLY A 130 -20.24 -4.31 18.14
N TYR A 131 -19.56 -4.66 17.05
CA TYR A 131 -18.66 -3.72 16.39
C TYR A 131 -19.38 -2.63 15.59
N PHE A 132 -20.66 -2.81 15.26
CA PHE A 132 -21.32 -1.90 14.33
C PHE A 132 -22.04 -0.77 15.05
N ASP A 133 -21.58 0.45 14.80
CA ASP A 133 -22.20 1.62 15.37
C ASP A 133 -23.60 1.83 14.80
N ALA A 134 -23.78 1.52 13.52
CA ALA A 134 -25.09 1.59 12.90
C ALA A 134 -25.18 0.60 11.73
N ILE A 135 -26.42 0.21 11.43
CA ILE A 135 -26.76 -0.57 10.24
C ILE A 135 -27.80 0.19 9.46
N ALA A 136 -27.48 0.51 8.21
CA ALA A 136 -28.47 1.09 7.31
C ALA A 136 -29.50 0.02 6.98
N ASP A 137 -30.77 0.36 7.10
CA ASP A 137 -31.82 -0.63 6.88
C ASP A 137 -32.19 -0.58 5.40
N PRO A 138 -31.88 -1.62 4.63
CA PRO A 138 -32.21 -1.61 3.20
C PRO A 138 -33.69 -1.47 2.90
N ALA A 139 -34.56 -1.83 3.83
CA ALA A 139 -35.99 -1.62 3.65
C ALA A 139 -36.34 -0.13 3.61
N GLU A 140 -35.54 0.72 4.26
CA GLU A 140 -35.86 2.13 4.31
C GLU A 140 -35.41 2.87 3.06
N VAL A 141 -34.43 2.35 2.33
CA VAL A 141 -33.98 2.97 1.08
C VAL A 141 -34.50 2.10 -0.07
N ALA A 142 -35.34 2.70 -0.92
CA ALA A 142 -35.94 1.96 -2.02
C ALA A 142 -34.91 1.60 -3.08
N ALA A 143 -34.02 2.53 -3.37
CA ALA A 143 -33.15 2.38 -4.51
C ALA A 143 -32.01 1.41 -4.18
N SER A 144 -31.93 0.34 -4.96
CA SER A 144 -30.85 -0.62 -4.90
C SER A 144 -29.55 0.00 -5.41
N LYS A 145 -28.44 -0.57 -4.97
CA LYS A 145 -27.15 -0.31 -5.62
C LYS A 145 -27.39 -0.59 -7.11
N PRO A 146 -26.76 0.17 -8.02
CA PRO A 146 -25.70 1.15 -7.92
C PRO A 146 -26.10 2.54 -7.43
N ALA A 147 -27.35 2.77 -7.03
CA ALA A 147 -27.67 4.06 -6.47
C ALA A 147 -26.95 4.23 -5.13
N PRO A 148 -26.42 5.41 -4.83
CA PRO A 148 -25.64 5.62 -3.60
C PRO A 148 -26.46 5.67 -2.31
N ASP A 149 -27.79 5.66 -2.39
CA ASP A 149 -28.67 5.88 -1.24
C ASP A 149 -28.25 5.10 0.00
N ILE A 150 -27.96 3.80 -0.16
CA ILE A 150 -27.65 2.98 1.00
C ILE A 150 -26.40 3.49 1.72
N PHE A 151 -25.36 3.86 0.96
CA PHE A 151 -24.14 4.35 1.57
C PHE A 151 -24.34 5.72 2.21
N ILE A 152 -25.12 6.60 1.59
CA ILE A 152 -25.47 7.88 2.19
C ILE A 152 -26.08 7.67 3.58
N ALA A 153 -27.04 6.74 3.68
CA ALA A 153 -27.74 6.46 4.91
C ALA A 153 -26.80 5.90 5.96
N ALA A 154 -25.93 4.97 5.57
CA ALA A 154 -24.99 4.38 6.51
C ALA A 154 -24.07 5.45 7.11
N ALA A 155 -23.49 6.32 6.27
CA ALA A 155 -22.62 7.40 6.76
C ALA A 155 -23.37 8.34 7.68
N HIS A 156 -24.54 8.80 7.23
CA HIS A 156 -25.36 9.67 8.06
C HIS A 156 -25.77 8.99 9.34
N ALA A 157 -25.97 7.67 9.33
CA ALA A 157 -26.35 6.99 10.54
C ALA A 157 -25.29 7.03 11.62
N VAL A 158 -24.02 7.25 11.26
CA VAL A 158 -22.95 7.37 12.26
C VAL A 158 -22.39 8.78 12.34
N GLY A 159 -23.11 9.78 11.84
CA GLY A 159 -22.68 11.18 11.96
C GLY A 159 -21.49 11.61 11.12
N VAL A 160 -21.20 10.94 10.02
CA VAL A 160 -20.02 11.20 9.21
C VAL A 160 -20.45 11.47 7.78
N ALA A 161 -19.75 12.41 7.13
CA ALA A 161 -20.09 12.68 5.74
C ALA A 161 -19.49 11.61 4.81
N PRO A 162 -20.18 11.28 3.72
CA PRO A 162 -19.63 10.23 2.83
C PRO A 162 -18.24 10.54 2.32
N SER A 163 -17.93 11.81 2.01
CA SER A 163 -16.60 12.17 1.55
C SER A 163 -15.53 11.94 2.60
N GLU A 164 -15.91 11.82 3.88
CA GLU A 164 -14.99 11.46 4.94
C GLU A 164 -15.04 9.97 5.28
N SER A 165 -15.61 9.14 4.39
CA SER A 165 -15.81 7.72 4.63
C SER A 165 -15.15 6.89 3.53
N ILE A 166 -14.76 5.70 3.91
CA ILE A 166 -14.28 4.67 2.99
C ILE A 166 -15.35 3.62 2.90
N GLY A 167 -15.59 3.10 1.70
CA GLY A 167 -16.53 2.02 1.49
C GLY A 167 -15.77 0.80 1.03
N LEU A 168 -16.12 -0.35 1.58
CA LEU A 168 -15.53 -1.63 1.24
C LEU A 168 -16.59 -2.44 0.52
N GLU A 169 -16.27 -2.92 -0.68
CA GLU A 169 -17.26 -3.53 -1.56
C GLU A 169 -16.61 -4.63 -2.40
N ASP A 170 -17.41 -5.65 -2.72
CA ASP A 170 -16.98 -6.71 -3.61
C ASP A 170 -17.65 -6.66 -4.98
N SER A 171 -18.52 -5.68 -5.22
CA SER A 171 -19.37 -5.72 -6.41
C SER A 171 -19.24 -4.47 -7.27
N GLN A 172 -19.54 -4.66 -8.56
CA GLN A 172 -19.57 -3.55 -9.50
C GLN A 172 -20.60 -2.50 -9.07
N ALA A 173 -21.82 -2.93 -8.73
CA ALA A 173 -22.85 -1.95 -8.39
C ALA A 173 -22.49 -1.18 -7.13
N GLY A 174 -21.97 -1.88 -6.11
CA GLY A 174 -21.62 -1.20 -4.87
C GLY A 174 -20.48 -0.21 -5.05
N ILE A 175 -19.47 -0.57 -5.84
CA ILE A 175 -18.40 0.37 -6.12
C ILE A 175 -18.97 1.59 -6.85
N GLN A 176 -19.93 1.40 -7.74
CA GLN A 176 -20.56 2.55 -8.36
C GLN A 176 -21.30 3.34 -7.30
N ALA A 177 -21.98 2.64 -6.40
CA ALA A 177 -22.76 3.31 -5.36
C ALA A 177 -21.86 4.12 -4.44
N ILE A 178 -20.73 3.54 -4.01
CA ILE A 178 -19.77 4.28 -3.19
C ILE A 178 -19.30 5.53 -3.92
N LYS A 179 -18.86 5.37 -5.18
CA LYS A 179 -18.38 6.49 -5.97
C LYS A 179 -19.37 7.64 -6.00
N ASP A 180 -20.64 7.35 -6.33
CA ASP A 180 -21.64 8.40 -6.38
C ASP A 180 -22.05 8.91 -5.01
N SER A 181 -21.72 8.19 -3.94
CA SER A 181 -21.94 8.77 -2.63
C SER A 181 -20.90 9.83 -2.28
N GLY A 182 -19.70 9.74 -2.87
CA GLY A 182 -18.61 10.66 -2.54
C GLY A 182 -17.55 10.04 -1.64
N ALA A 183 -17.82 8.86 -1.12
CA ALA A 183 -16.92 8.08 -0.28
C ALA A 183 -15.81 7.47 -1.13
N LEU A 184 -14.82 6.95 -0.46
CA LEU A 184 -13.66 6.43 -1.13
C LEU A 184 -13.76 4.92 -1.20
N PRO A 185 -13.92 4.32 -2.38
CA PRO A 185 -14.04 2.85 -2.45
C PRO A 185 -12.72 2.11 -2.51
N ILE A 186 -12.67 1.00 -1.80
CA ILE A 186 -11.58 0.03 -1.92
C ILE A 186 -12.23 -1.34 -2.13
N GLY A 187 -12.09 -1.87 -3.28
CA GLY A 187 -12.73 -3.11 -3.63
C GLY A 187 -11.91 -4.32 -3.27
N VAL A 188 -12.61 -5.45 -3.14
CA VAL A 188 -11.97 -6.75 -2.93
C VAL A 188 -12.49 -7.70 -4.03
N GLY A 189 -11.57 -8.18 -4.86
CA GLY A 189 -11.86 -9.15 -5.91
C GLY A 189 -10.87 -9.02 -7.06
N ARG A 190 -11.33 -9.39 -8.25
CA ARG A 190 -10.44 -9.31 -9.40
C ARG A 190 -10.51 -7.93 -10.02
N PRO A 191 -9.38 -7.29 -10.31
CA PRO A 191 -9.46 -6.00 -11.00
C PRO A 191 -10.25 -6.09 -12.30
N GLU A 192 -10.21 -7.25 -12.95
CA GLU A 192 -10.99 -7.48 -14.16
C GLU A 192 -12.47 -7.16 -13.95
N ASP A 193 -12.99 -7.49 -12.79
CA ASP A 193 -14.39 -7.25 -12.51
C ASP A 193 -14.64 -5.85 -11.96
N LEU A 194 -13.79 -5.37 -11.06
CA LEU A 194 -14.07 -4.15 -10.31
C LEU A 194 -13.37 -2.91 -10.84
N GLY A 195 -12.53 -3.05 -11.87
CA GLY A 195 -11.95 -1.86 -12.46
C GLY A 195 -10.62 -1.47 -11.84
N ASP A 196 -9.62 -1.32 -12.68
CA ASP A 196 -8.28 -0.93 -12.26
C ASP A 196 -8.14 0.58 -12.06
N ASP A 197 -9.26 1.31 -12.10
CA ASP A 197 -9.27 2.73 -11.79
C ASP A 197 -9.30 3.02 -10.29
N ILE A 198 -9.77 2.09 -9.46
CA ILE A 198 -9.82 2.28 -8.01
C ILE A 198 -8.90 1.26 -7.36
N VAL A 199 -8.63 1.45 -6.06
CA VAL A 199 -7.78 0.52 -5.36
C VAL A 199 -8.53 -0.78 -5.12
N ILE A 200 -7.99 -1.87 -5.64
CA ILE A 200 -8.57 -3.21 -5.54
C ILE A 200 -7.57 -4.12 -4.86
N VAL A 201 -8.01 -4.86 -3.84
CA VAL A 201 -7.17 -5.85 -3.17
C VAL A 201 -7.65 -7.25 -3.53
N PRO A 202 -6.76 -8.26 -3.61
CA PRO A 202 -7.20 -9.60 -4.03
C PRO A 202 -8.09 -10.33 -3.02
N ASP A 203 -7.94 -10.05 -1.72
CA ASP A 203 -8.71 -10.73 -0.69
C ASP A 203 -8.71 -9.84 0.55
N THR A 204 -9.54 -10.20 1.55
CA THR A 204 -9.75 -9.33 2.70
C THR A 204 -8.56 -9.24 3.64
N SER A 205 -7.58 -10.12 3.51
CA SER A 205 -6.42 -10.00 4.37
C SER A 205 -5.66 -8.70 4.09
N HIS A 206 -5.89 -8.08 2.94
CA HIS A 206 -5.24 -6.81 2.64
C HIS A 206 -5.92 -5.64 3.33
N TYR A 207 -7.13 -5.86 3.84
CA TYR A 207 -7.90 -4.81 4.53
C TYR A 207 -7.35 -4.67 5.93
N THR A 208 -6.46 -3.71 6.11
CA THR A 208 -5.86 -3.45 7.40
C THR A 208 -6.02 -1.97 7.68
N LEU A 209 -5.94 -1.63 8.95
CA LEU A 209 -6.18 -0.25 9.26
C LEU A 209 -5.17 0.63 8.53
N GLU A 210 -3.91 0.22 8.51
CA GLU A 210 -2.88 1.07 7.93
C GLU A 210 -3.03 1.18 6.42
N PHE A 211 -3.42 0.10 5.76
CA PHE A 211 -3.67 0.16 4.31
C PHE A 211 -4.78 1.14 3.99
N LEU A 212 -5.89 1.10 4.75
CA LEU A 212 -6.92 2.11 4.55
C LEU A 212 -6.34 3.52 4.71
N LYS A 213 -5.44 3.71 5.68
CA LYS A 213 -4.85 5.04 5.90
C LYS A 213 -3.96 5.47 4.75
N GLU A 214 -3.09 4.58 4.29
CA GLU A 214 -2.20 4.90 3.18
C GLU A 214 -3.00 5.29 1.93
N VAL A 215 -3.99 4.47 1.62
CA VAL A 215 -4.87 4.68 0.48
C VAL A 215 -5.59 6.03 0.52
N FTR A 216 -6.15 6.35 1.67
CA FTR A 216 -6.86 7.60 1.86
CB FTR A 216 -7.52 7.56 3.25
CG FTR A 216 -8.35 8.80 3.52
CD2 FTR A 216 -7.98 9.95 4.14
CE2 FTR A 216 -9.06 10.79 4.19
CE3 FTR A 216 -6.74 10.33 4.67
CD1 FTR A 216 -9.67 8.91 3.20
NE1 FTR A 216 -10.11 10.14 3.59
CZ2 FTR A 216 -8.93 12.07 4.77
CZ3 FTR A 216 -6.61 11.59 5.22
F FTR A 216 -5.39 11.96 5.73
CH2 FTR A 216 -7.69 12.46 5.29
C FTR A 216 -5.91 8.81 1.77
O FTR A 216 -6.27 9.80 1.11
N LEU A 217 -4.75 8.74 2.43
CA LEU A 217 -3.71 9.79 2.34
C LEU A 217 -3.26 10.01 0.91
N GLN A 218 -3.29 8.98 0.10
CA GLN A 218 -2.85 9.10 -1.27
C GLN A 218 -3.86 9.90 -2.19
N LYS A 219 -4.91 10.41 -1.56
CA LYS A 219 -5.88 11.31 -2.19
C LYS A 219 -5.45 11.86 -3.56
N GLN A 220 -4.90 13.06 -3.59
CA GLN A 220 -4.73 13.78 -4.92
C GLN A 220 -3.47 14.58 -4.88
N MET B 1 9.71 -15.53 -0.46
CA MET B 1 9.69 -14.14 0.06
C MET B 1 11.10 -13.62 0.36
N PHE B 2 11.32 -12.33 0.14
CA PHE B 2 12.63 -11.78 0.41
C PHE B 2 12.90 -11.82 1.91
N LYS B 3 14.18 -11.95 2.24
CA LYS B 3 14.59 -12.11 3.63
C LYS B 3 15.25 -10.86 4.21
N ALA B 4 15.56 -9.85 3.40
CA ALA B 4 16.18 -8.65 3.95
C ALA B 4 15.89 -7.45 3.07
N VAL B 5 15.94 -6.27 3.69
CA VAL B 5 15.86 -4.99 2.99
C VAL B 5 17.08 -4.16 3.35
N LEU B 6 17.80 -3.71 2.31
CA LEU B 6 19.05 -2.97 2.43
C LEU B 6 18.72 -1.51 2.12
N PHE B 7 18.82 -0.64 3.11
CA PHE B 7 18.43 0.76 3.01
C PHE B 7 19.63 1.63 2.68
N ASP B 8 19.52 2.44 1.63
CA ASP B 8 20.36 3.62 1.57
C ASP B 8 19.80 4.56 2.64
N LEU B 9 20.59 5.56 3.03
CA LEU B 9 20.14 6.54 4.01
C LEU B 9 19.87 7.87 3.33
N ASP B 10 20.90 8.54 2.85
CA ASP B 10 20.73 9.88 2.31
C ASP B 10 19.83 9.88 1.07
N GLY B 11 18.66 10.53 1.20
CA GLY B 11 17.67 10.66 0.16
C GLY B 11 16.62 9.58 0.15
N VAL B 12 16.68 8.66 1.13
CA VAL B 12 15.78 7.53 1.25
C VAL B 12 15.12 7.60 2.65
N ILE B 13 15.93 7.53 3.71
CA ILE B 13 15.45 7.70 5.09
C ILE B 13 15.17 9.18 5.40
N THR B 14 16.02 10.11 4.94
CA THR B 14 15.86 11.51 5.27
C THR B 14 16.48 12.37 4.15
N ASP B 15 16.20 13.68 4.22
CA ASP B 15 16.55 14.68 3.21
C ASP B 15 18.01 15.14 3.27
N THR B 16 18.94 14.23 3.54
CA THR B 16 20.35 14.57 3.62
C THR B 16 21.10 14.56 2.31
N ALA B 17 20.52 14.02 1.23
CA ALA B 17 21.17 14.20 -0.08
C ALA B 17 21.28 15.69 -0.41
N GLU B 18 20.31 16.47 0.04
CA GLU B 18 20.35 17.91 -0.18
C GLU B 18 21.56 18.55 0.48
N TYR B 19 21.85 18.15 1.71
CA TYR B 19 22.97 18.73 2.45
C TYR B 19 24.31 18.30 1.89
N HIS B 20 24.43 17.04 1.47
CA HIS B 20 25.64 16.64 0.76
C HIS B 20 25.83 17.49 -0.47
N PHE B 21 24.76 17.73 -1.22
CA PHE B 21 24.86 18.57 -2.40
C PHE B 21 25.34 19.97 -2.04
N ARG B 22 24.71 20.60 -1.05
CA ARG B 22 25.15 21.93 -0.63
C ARG B 22 26.60 21.93 -0.26
N ALA B 23 27.00 21.04 0.60
CA ALA B 23 28.36 21.02 1.09
C ALA B 23 29.39 20.80 -0.04
N FTR B 24 29.12 19.89 -0.96
CA FTR B 24 29.98 19.68 -2.11
CB FTR B 24 29.58 18.42 -2.92
CG FTR B 24 29.99 17.10 -2.29
CD2 FTR B 24 31.33 16.72 -1.94
CE2 FTR B 24 31.25 15.35 -1.37
CE3 FTR B 24 32.49 17.38 -2.03
CD1 FTR B 24 29.29 15.96 -2.00
NE1 FTR B 24 30.05 14.96 -1.46
CZ2 FTR B 24 32.39 14.80 -0.94
CZ3 FTR B 24 33.63 16.76 -1.55
F FTR B 24 34.77 17.36 -1.59
CH2 FTR B 24 33.54 15.48 -1.05
C FTR B 24 30.06 20.90 -3.05
O FTR B 24 31.10 21.21 -3.49
N LYS B 25 28.93 21.52 -3.31
CA LYS B 25 28.80 22.78 -4.01
C LYS B 25 29.73 23.81 -3.40
N ALA B 26 29.68 23.90 -2.08
CA ALA B 26 30.51 24.88 -1.36
C ALA B 26 31.99 24.55 -1.46
N LEU B 27 32.34 23.26 -1.46
CA LEU B 27 33.74 22.91 -1.60
C LEU B 27 34.25 23.22 -3.02
N ALA B 28 33.49 22.87 -4.05
CA ALA B 28 33.91 23.12 -5.42
C ALA B 28 34.18 24.61 -5.66
N GLU B 29 33.20 25.48 -5.34
CA GLU B 29 33.35 26.91 -5.57
C GLU B 29 34.56 27.48 -4.82
N GLU B 30 34.80 27.06 -3.60
CA GLU B 30 35.98 27.41 -2.84
C GLU B 30 37.29 27.11 -3.53
N ILE B 31 37.38 25.99 -4.19
CA ILE B 31 38.57 25.69 -4.95
C ILE B 31 38.43 26.08 -6.42
N GLY B 32 37.44 26.92 -6.74
CA GLY B 32 37.29 27.51 -8.06
C GLY B 32 36.59 26.68 -9.11
N ILE B 33 35.94 25.58 -8.75
CA ILE B 33 35.29 24.70 -9.70
C ILE B 33 33.80 25.03 -9.71
N ASN B 34 33.27 25.37 -10.88
CA ASN B 34 31.95 26.00 -10.95
C ASN B 34 30.80 25.11 -11.41
N GLY B 35 31.07 23.93 -11.96
CA GLY B 35 30.00 23.14 -12.52
C GLY B 35 29.29 22.13 -11.64
N VAL B 36 29.30 22.28 -10.33
CA VAL B 36 28.58 21.34 -9.44
C VAL B 36 27.19 21.93 -9.20
N ASP B 37 26.30 21.69 -10.14
CA ASP B 37 24.90 22.07 -10.08
C ASP B 37 24.10 20.79 -9.85
N ARG B 38 22.79 20.97 -9.71
CA ARG B 38 21.89 19.86 -9.38
C ARG B 38 21.97 18.76 -10.42
N GLN B 39 22.08 19.11 -11.70
CA GLN B 39 22.13 18.08 -12.73
C GLN B 39 23.40 17.24 -12.58
N PHE B 40 24.52 17.90 -12.29
CA PHE B 40 25.75 17.16 -12.02
C PHE B 40 25.70 16.43 -10.69
N ASN B 41 24.96 16.95 -9.71
CA ASN B 41 24.89 16.23 -8.44
C ASN B 41 24.33 14.82 -8.62
N GLU B 42 23.50 14.57 -9.64
CA GLU B 42 22.99 13.23 -9.86
C GLU B 42 24.10 12.19 -10.01
N GLN B 43 25.28 12.61 -10.45
CA GLN B 43 26.42 11.72 -10.52
C GLN B 43 27.13 11.54 -9.18
N LEU B 44 26.90 12.42 -8.23
CA LEU B 44 27.55 12.33 -6.92
C LEU B 44 26.73 11.55 -5.89
N LYS B 45 25.42 11.48 -6.06
CA LYS B 45 24.56 10.78 -5.12
C LYS B 45 25.01 9.33 -4.97
N GLY B 46 25.13 8.88 -3.72
CA GLY B 46 25.57 7.55 -3.42
C GLY B 46 27.06 7.36 -3.47
N VAL B 47 27.80 8.33 -3.97
CA VAL B 47 29.24 8.18 -4.18
C VAL B 47 29.95 8.54 -2.90
N SER B 48 31.03 7.80 -2.61
CA SER B 48 31.79 7.99 -1.39
C SER B 48 32.49 9.36 -1.35
N ARG B 49 32.92 9.73 -0.15
CA ARG B 49 33.51 11.04 0.08
C ARG B 49 34.67 11.31 -0.85
N GLU B 50 35.71 10.46 -0.80
CA GLU B 50 36.91 10.68 -1.62
C GLU B 50 36.57 10.59 -3.11
N ASP B 51 35.77 9.59 -3.51
CA ASP B 51 35.40 9.48 -4.91
C ASP B 51 34.57 10.68 -5.41
N SER B 52 33.75 11.29 -4.53
CA SER B 52 32.97 12.46 -4.91
C SER B 52 33.87 13.64 -5.22
N LEU B 53 34.87 13.87 -4.36
CA LEU B 53 35.85 14.93 -4.59
C LEU B 53 36.59 14.72 -5.90
N GLN B 54 36.93 13.48 -6.22
CA GLN B 54 37.70 13.23 -7.43
C GLN B 54 36.87 13.53 -8.68
N LYS B 55 35.56 13.23 -8.65
CA LYS B 55 34.67 13.64 -9.74
C LYS B 55 34.67 15.14 -9.89
N ILE B 56 34.56 15.85 -8.76
CA ILE B 56 34.59 17.30 -8.80
C ILE B 56 35.90 17.79 -9.37
N LEU B 57 37.02 17.23 -8.88
CA LEU B 57 38.32 17.66 -9.41
C LEU B 57 38.42 17.44 -10.90
N ASP B 58 37.97 16.28 -11.36
CA ASP B 58 38.04 15.91 -12.76
C ASP B 58 37.24 16.86 -13.63
N LEU B 59 36.17 17.43 -13.06
CA LEU B 59 35.33 18.38 -13.78
C LEU B 59 36.15 19.57 -14.29
N ALA B 60 37.13 20.03 -13.51
CA ALA B 60 37.99 21.13 -13.90
C ALA B 60 39.39 20.65 -14.29
N ASP B 61 39.60 19.34 -14.34
CA ASP B 61 40.91 18.76 -14.61
C ASP B 61 41.95 19.23 -13.60
N LYS B 62 41.50 19.50 -12.37
CA LYS B 62 42.35 20.04 -11.36
C LYS B 62 43.10 18.89 -10.69
N LYS B 63 44.36 19.15 -10.34
CA LYS B 63 45.23 18.15 -9.75
C LYS B 63 45.75 18.70 -8.43
N VAL B 64 45.74 17.87 -7.38
CA VAL B 64 46.20 18.29 -6.06
C VAL B 64 47.06 17.22 -5.43
N SER B 65 47.86 17.66 -4.48
CA SER B 65 48.69 16.74 -3.72
C SER B 65 47.80 15.85 -2.88
N ALA B 66 48.35 14.71 -2.48
CA ALA B 66 47.62 13.79 -1.63
C ALA B 66 47.18 14.47 -0.35
N GLU B 67 48.03 15.38 0.19
CA GLU B 67 47.73 16.08 1.44
C GLU B 67 46.55 17.03 1.27
N GLU B 68 46.56 17.83 0.20
CA GLU B 68 45.46 18.75 -0.02
C GLU B 68 44.16 18.02 -0.27
N PHE B 69 44.21 16.91 -1.03
CA PHE B 69 43.04 16.07 -1.25
C PHE B 69 42.39 15.69 0.07
N LYS B 70 43.19 15.14 1.00
CA LYS B 70 42.69 14.79 2.33
C LYS B 70 42.10 15.99 3.02
N GLU B 71 42.73 17.15 2.85
CA GLU B 71 42.30 18.36 3.55
C GLU B 71 40.97 18.87 3.03
N LEU B 72 40.78 18.82 1.71
CA LEU B 72 39.50 19.22 1.12
C LEU B 72 38.39 18.27 1.55
N ALA B 73 38.66 16.96 1.56
CA ALA B 73 37.64 16.01 1.97
C ALA B 73 37.22 16.27 3.41
N LYS B 74 38.19 16.54 4.28
CA LYS B 74 37.86 16.84 5.68
C LYS B 74 37.05 18.13 5.79
N ARG B 75 37.43 19.14 5.04
CA ARG B 75 36.73 20.42 5.07
C ARG B 75 35.24 20.28 4.63
N LYS B 76 35.00 19.56 3.57
CA LYS B 76 33.62 19.32 3.18
C LYS B 76 32.87 18.61 4.29
N ASN B 77 33.50 17.62 4.94
CA ASN B 77 32.76 16.87 5.96
C ASN B 77 32.50 17.72 7.19
N ASP B 78 33.51 18.46 7.65
CA ASP B 78 33.32 19.38 8.76
C ASP B 78 32.14 20.31 8.49
N ASN B 79 32.01 20.81 7.28
CA ASN B 79 30.89 21.61 6.85
C ASN B 79 29.55 20.82 6.84
N TYR B 80 29.54 19.63 6.26
CA TYR B 80 28.31 18.84 6.18
C TYR B 80 27.79 18.51 7.57
N VAL B 81 28.70 18.09 8.45
CA VAL B 81 28.31 17.71 9.81
C VAL B 81 27.65 18.88 10.52
N LYS B 82 28.06 20.10 10.16
CA LYS B 82 27.50 21.30 10.76
C LYS B 82 26.10 21.56 10.20
N MET B 83 25.88 21.12 8.97
CA MET B 83 24.59 21.26 8.31
C MET B 83 23.52 20.35 8.90
N ILE B 84 23.91 19.18 9.41
CA ILE B 84 22.97 18.13 9.80
C ILE B 84 22.66 18.13 11.29
N GLN B 85 22.99 19.19 12.02
CA GLN B 85 22.77 19.21 13.47
C GLN B 85 21.29 19.25 13.87
N ASP B 86 20.39 19.73 13.01
CA ASP B 86 18.97 19.79 13.36
C ASP B 86 18.21 18.49 13.09
N VAL B 87 18.79 17.56 12.34
CA VAL B 87 18.10 16.32 12.03
C VAL B 87 17.62 15.65 13.30
N SER B 88 16.35 15.24 13.29
CA SER B 88 15.70 14.58 14.41
C SER B 88 14.66 13.61 13.87
N PRO B 89 13.90 12.91 14.74
CA PRO B 89 12.82 12.02 14.25
C PRO B 89 11.79 12.72 13.36
N ALA B 90 11.66 14.04 13.51
CA ALA B 90 10.73 14.82 12.71
C ALA B 90 11.11 14.82 11.24
N ASP B 91 12.38 14.56 10.90
CA ASP B 91 12.86 14.63 9.52
C ASP B 91 12.84 13.28 8.79
N VAL B 92 12.40 12.21 9.46
CA VAL B 92 12.31 10.92 8.79
C VAL B 92 11.28 11.01 7.69
N TYR B 93 11.68 10.61 6.50
CA TYR B 93 10.79 10.66 5.36
C TYR B 93 9.57 9.78 5.57
N PRO B 94 8.49 10.09 4.88
CA PRO B 94 7.23 9.35 5.06
C PRO B 94 7.34 7.90 4.63
N GLY B 95 6.64 7.04 5.36
CA GLY B 95 6.65 5.61 5.13
C GLY B 95 7.79 4.87 5.81
N ILE B 96 8.90 5.55 6.08
CA ILE B 96 10.09 4.83 6.46
C ILE B 96 9.92 4.19 7.83
N LEU B 97 9.42 4.96 8.80
CA LEU B 97 9.29 4.42 10.15
C LEU B 97 8.31 3.25 10.18
N GLN B 98 7.16 3.41 9.51
CA GLN B 98 6.21 2.30 9.43
C GLN B 98 6.84 1.09 8.74
N LEU B 99 7.62 1.33 7.68
CA LEU B 99 8.23 0.22 6.95
C LEU B 99 9.16 -0.56 7.87
N LEU B 100 10.03 0.16 8.60
CA LEU B 100 10.91 -0.48 9.56
C LEU B 100 10.12 -1.28 10.60
N LYS B 101 9.06 -0.70 11.15
CA LYS B 101 8.26 -1.43 12.12
C LYS B 101 7.68 -2.69 11.51
N ASP B 102 7.13 -2.57 10.30
CA ASP B 102 6.54 -3.73 9.65
C ASP B 102 7.60 -4.78 9.30
N LEU B 103 8.77 -4.35 8.85
CA LEU B 103 9.82 -5.32 8.55
C LEU B 103 10.26 -6.05 9.80
N ARG B 104 10.43 -5.31 10.90
CA ARG B 104 10.85 -5.95 12.14
C ARG B 104 9.77 -6.88 12.66
N SER B 105 8.52 -6.46 12.50
CA SER B 105 7.36 -7.25 12.92
C SER B 105 7.26 -8.56 12.16
N ASN B 106 7.61 -8.55 10.88
CA ASN B 106 7.53 -9.75 10.05
C ASN B 106 8.85 -10.52 9.98
N LYS B 107 9.80 -10.21 10.88
CA LYS B 107 11.08 -10.91 10.98
C LYS B 107 11.85 -10.86 9.67
N ILE B 108 11.83 -9.69 9.01
CA ILE B 108 12.63 -9.46 7.83
C ILE B 108 13.80 -8.61 8.27
N LYS B 109 15.01 -9.02 7.88
CA LYS B 109 16.21 -8.36 8.36
C LYS B 109 16.31 -6.96 7.77
N ILE B 110 16.89 -6.06 8.55
CA ILE B 110 17.05 -4.66 8.16
C ILE B 110 18.52 -4.31 8.30
N ALA B 111 19.09 -3.84 7.21
CA ALA B 111 20.49 -3.45 7.16
C ALA B 111 20.61 -2.10 6.47
N LEU B 112 21.55 -1.31 6.94
CA LEU B 112 21.88 -0.04 6.29
C LEU B 112 22.99 -0.30 5.28
N ALA B 113 22.80 0.23 4.06
CA ALA B 113 23.80 0.16 3.01
C ALA B 113 24.09 1.58 2.51
N SER B 114 24.50 2.42 3.46
CA SER B 114 24.82 3.83 3.25
C SER B 114 26.32 3.99 3.04
N ALA B 115 26.71 4.69 1.99
CA ALA B 115 28.14 4.99 1.88
C ALA B 115 28.61 6.00 2.93
N SER B 116 27.73 6.60 3.71
CA SER B 116 28.13 7.71 4.57
C SER B 116 28.67 7.24 5.92
N LYS B 117 29.82 7.78 6.31
CA LYS B 117 30.39 7.47 7.61
C LYS B 117 29.63 8.16 8.73
N ASN B 118 28.84 9.16 8.37
CA ASN B 118 27.92 9.84 9.26
C ASN B 118 26.61 9.09 9.41
N GLY B 119 26.51 7.90 8.84
CA GLY B 119 25.28 7.17 8.85
C GLY B 119 24.77 6.91 10.26
N PRO B 120 25.66 6.35 11.10
CA PRO B 120 25.21 5.96 12.46
C PRO B 120 24.77 7.14 13.32
N PHE B 121 25.42 8.29 13.18
CA PHE B 121 25.04 9.50 13.92
C PHE B 121 23.64 9.92 13.53
N LEU B 122 23.35 9.90 12.23
CA LEU B 122 22.02 10.27 11.75
C LEU B 122 20.95 9.29 12.21
N LEU B 123 21.21 7.97 12.12
CA LEU B 123 20.20 7.04 12.61
C LEU B 123 19.92 7.29 14.10
N GLU B 124 20.95 7.58 14.87
CA GLU B 124 20.71 7.82 16.29
C GLU B 124 19.95 9.11 16.50
N ARG B 125 20.34 10.18 15.80
CA ARG B 125 19.65 11.46 15.93
C ARG B 125 18.19 11.33 15.49
N MET B 126 17.91 10.45 14.54
CA MET B 126 16.55 10.17 14.11
C MET B 126 15.87 9.09 14.93
N ASN B 127 16.57 8.53 15.93
CA ASN B 127 16.01 7.53 16.85
C ASN B 127 15.52 6.29 16.08
N LEU B 128 16.31 5.88 15.09
CA LEU B 128 16.04 4.69 14.30
C LEU B 128 17.06 3.59 14.52
N THR B 129 18.08 3.80 15.34
CA THR B 129 19.14 2.81 15.47
C THR B 129 18.57 1.43 15.82
N GLY B 130 17.58 1.39 16.71
CA GLY B 130 17.01 0.12 17.14
C GLY B 130 16.44 -0.75 16.03
N TYR B 131 16.04 -0.17 14.93
CA TYR B 131 15.47 -0.99 13.88
C TYR B 131 16.51 -1.79 13.09
N PHE B 132 17.77 -1.38 13.14
CA PHE B 132 18.77 -1.90 12.23
C PHE B 132 19.51 -3.08 12.83
N ASP B 133 19.31 -4.26 12.22
CA ASP B 133 20.04 -5.47 12.61
C ASP B 133 21.51 -5.36 12.29
N ALA B 134 21.86 -4.69 11.18
CA ALA B 134 23.23 -4.46 10.84
C ALA B 134 23.39 -3.13 10.09
N ILE B 135 24.59 -2.58 10.18
CA ILE B 135 25.03 -1.44 9.39
C ILE B 135 26.31 -1.83 8.66
N ALA B 136 26.31 -1.72 7.33
CA ALA B 136 27.55 -1.94 6.61
C ALA B 136 28.46 -0.74 6.86
N ASP B 137 29.70 -1.01 7.29
CA ASP B 137 30.63 0.05 7.68
C ASP B 137 31.41 0.53 6.45
N PRO B 138 31.15 1.73 5.93
CA PRO B 138 31.90 2.20 4.75
C PRO B 138 33.40 2.18 4.95
N ALA B 139 33.85 2.25 6.19
CA ALA B 139 35.28 2.13 6.45
C ALA B 139 35.79 0.76 6.03
N GLU B 140 34.92 -0.24 6.02
CA GLU B 140 35.33 -1.60 5.69
C GLU B 140 35.20 -1.96 4.22
N VAL B 141 34.38 -1.29 3.45
CA VAL B 141 34.03 -1.78 2.12
C VAL B 141 34.90 -1.08 1.10
N ALA B 142 35.52 -1.90 0.23
CA ALA B 142 36.64 -1.47 -0.60
C ALA B 142 36.28 -0.37 -1.60
N ALA B 143 35.09 -0.43 -2.18
CA ALA B 143 34.80 0.42 -3.33
C ALA B 143 33.43 1.08 -3.24
N SER B 144 33.42 2.38 -3.53
CA SER B 144 32.21 3.17 -3.57
C SER B 144 31.24 2.63 -4.62
N LYS B 145 29.96 2.88 -4.41
CA LYS B 145 28.94 2.68 -5.44
C LYS B 145 29.39 3.42 -6.69
N PRO B 146 29.09 2.91 -7.90
CA PRO B 146 28.18 1.86 -8.36
C PRO B 146 28.70 0.46 -8.13
N ALA B 147 29.84 0.32 -7.45
CA ALA B 147 30.32 -0.99 -7.09
C ALA B 147 29.37 -1.62 -6.07
N PRO B 148 29.08 -2.91 -6.19
CA PRO B 148 28.09 -3.53 -5.29
C PRO B 148 28.59 -3.77 -3.88
N ASP B 149 29.89 -3.61 -3.59
CA ASP B 149 30.48 -4.04 -2.33
C ASP B 149 29.61 -3.73 -1.10
N ILE B 150 29.15 -2.50 -0.95
CA ILE B 150 28.40 -2.14 0.26
C ILE B 150 27.12 -2.95 0.37
N PHE B 151 26.36 -3.11 -0.72
CA PHE B 151 25.13 -3.89 -0.62
C PHE B 151 25.43 -5.38 -0.38
N ILE B 152 26.47 -5.92 -1.00
CA ILE B 152 26.87 -7.26 -0.62
C ILE B 152 27.18 -7.33 0.89
N ALA B 153 27.94 -6.37 1.41
CA ALA B 153 28.32 -6.43 2.83
C ALA B 153 27.10 -6.36 3.73
N ALA B 154 26.16 -5.46 3.44
CA ALA B 154 24.95 -5.34 4.24
C ALA B 154 24.16 -6.64 4.27
N ALA B 155 23.94 -7.24 3.09
CA ALA B 155 23.21 -8.51 3.06
C ALA B 155 23.91 -9.56 3.93
N HIS B 156 25.22 -9.71 3.74
CA HIS B 156 26.00 -10.69 4.49
C HIS B 156 25.95 -10.40 5.98
N ALA B 157 26.06 -9.12 6.35
CA ALA B 157 26.01 -8.74 7.75
C ALA B 157 24.70 -9.13 8.43
N VAL B 158 23.63 -9.43 7.69
CA VAL B 158 22.40 -9.94 8.28
C VAL B 158 22.16 -11.39 7.87
N GLY B 159 23.22 -12.07 7.41
CA GLY B 159 23.15 -13.49 7.10
C GLY B 159 22.37 -13.86 5.86
N VAL B 160 22.21 -12.95 4.93
CA VAL B 160 21.35 -13.19 3.78
C VAL B 160 22.09 -12.99 2.48
N ALA B 161 21.70 -13.77 1.50
CA ALA B 161 22.31 -13.58 0.21
C ALA B 161 21.68 -12.38 -0.48
N PRO B 162 22.43 -11.65 -1.30
CA PRO B 162 21.86 -10.48 -1.96
C PRO B 162 20.65 -10.81 -2.83
N SER B 163 20.63 -11.99 -3.46
CA SER B 163 19.49 -12.37 -4.28
C SER B 163 18.21 -12.50 -3.48
N GLU B 164 18.30 -12.65 -2.17
CA GLU B 164 17.12 -12.70 -1.34
C GLU B 164 16.80 -11.34 -0.69
N SER B 165 17.30 -10.23 -1.29
CA SER B 165 17.22 -8.92 -0.68
C SER B 165 16.62 -7.88 -1.63
N ILE B 166 16.01 -6.87 -1.03
CA ILE B 166 15.57 -5.65 -1.70
C ILE B 166 16.50 -4.52 -1.28
N GLY B 167 16.86 -3.68 -2.24
CA GLY B 167 17.63 -2.48 -1.96
C GLY B 167 16.77 -1.27 -2.29
N LEU B 168 16.80 -0.27 -1.42
CA LEU B 168 16.05 0.96 -1.60
C LEU B 168 17.04 2.10 -1.79
N GLU B 169 16.91 2.82 -2.89
CA GLU B 169 17.94 3.76 -3.28
C GLU B 169 17.31 4.96 -3.97
N ASP B 170 17.96 6.10 -3.82
CA ASP B 170 17.59 7.34 -4.51
C ASP B 170 18.59 7.73 -5.60
N SER B 171 19.65 6.93 -5.84
CA SER B 171 20.72 7.37 -6.74
C SER B 171 20.99 6.40 -7.89
N GLN B 172 21.50 6.98 -8.98
CA GLN B 172 21.91 6.20 -10.13
C GLN B 172 23.01 5.22 -9.76
N ALA B 173 24.01 5.68 -9.02
CA ALA B 173 25.13 4.82 -8.64
C ALA B 173 24.66 3.71 -7.70
N GLY B 174 23.81 4.07 -6.74
CA GLY B 174 23.31 3.08 -5.81
C GLY B 174 22.43 2.04 -6.50
N ILE B 175 21.59 2.47 -7.44
CA ILE B 175 20.74 1.53 -8.16
C ILE B 175 21.59 0.56 -8.98
N GLN B 176 22.65 1.06 -9.61
CA GLN B 176 23.53 0.17 -10.36
C GLN B 176 24.20 -0.82 -9.42
N ALA B 177 24.61 -0.33 -8.24
CA ALA B 177 25.22 -1.21 -7.22
C ALA B 177 24.24 -2.29 -6.77
N ILE B 178 22.97 -1.93 -6.56
CA ILE B 178 21.97 -2.94 -6.21
C ILE B 178 21.88 -4.01 -7.30
N LYS B 179 21.68 -3.59 -8.54
CA LYS B 179 21.57 -4.54 -9.65
C LYS B 179 22.77 -5.47 -9.71
N ASP B 180 23.95 -4.89 -9.78
CA ASP B 180 25.18 -5.64 -9.76
C ASP B 180 25.46 -6.48 -8.54
N SER B 181 24.76 -6.22 -7.46
CA SER B 181 24.92 -7.07 -6.29
C SER B 181 24.06 -8.33 -6.39
N GLY B 182 22.97 -8.29 -7.15
CA GLY B 182 22.02 -9.39 -7.23
C GLY B 182 20.72 -9.14 -6.48
N ALA B 183 20.66 -8.07 -5.67
CA ALA B 183 19.48 -7.63 -4.96
C ALA B 183 18.48 -6.96 -5.90
N LEU B 184 17.27 -6.77 -5.41
CA LEU B 184 16.21 -6.22 -6.23
C LEU B 184 16.04 -4.75 -5.91
N PRO B 185 16.37 -3.84 -6.83
CA PRO B 185 16.28 -2.41 -6.52
C PRO B 185 14.86 -1.91 -6.66
N ILE B 186 14.45 -1.04 -5.72
CA ILE B 186 13.26 -0.23 -5.86
C ILE B 186 13.67 1.22 -5.60
N GLY B 187 13.64 2.03 -6.64
CA GLY B 187 14.14 3.38 -6.51
C GLY B 187 13.11 4.36 -6.00
N VAL B 188 13.58 5.46 -5.43
CA VAL B 188 12.72 6.57 -5.08
C VAL B 188 13.25 7.85 -5.72
N GLY B 189 12.47 8.44 -6.61
CA GLY B 189 12.81 9.66 -7.32
C GLY B 189 12.07 9.75 -8.65
N ARG B 190 12.67 10.47 -9.58
CA ARG B 190 12.10 10.66 -10.91
C ARG B 190 12.51 9.53 -11.83
N PRO B 191 11.60 8.94 -12.60
CA PRO B 191 12.06 7.92 -13.57
C PRO B 191 13.08 8.46 -14.54
N GLU B 192 12.95 9.75 -14.87
CA GLU B 192 13.91 10.41 -15.75
C GLU B 192 15.33 10.20 -15.27
N ASP B 193 15.53 10.24 -13.96
CA ASP B 193 16.84 10.19 -13.33
C ASP B 193 17.32 8.78 -13.01
N LEU B 194 16.44 7.91 -12.54
CA LEU B 194 16.83 6.60 -12.04
C LEU B 194 16.52 5.47 -12.99
N GLY B 195 15.81 5.75 -14.08
CA GLY B 195 15.54 4.75 -15.11
C GLY B 195 14.18 4.07 -14.97
N ASP B 196 13.40 4.02 -16.06
CA ASP B 196 12.09 3.34 -16.04
C ASP B 196 12.17 1.83 -16.29
N ASP B 197 13.37 1.22 -16.32
CA ASP B 197 13.49 -0.22 -16.41
C ASP B 197 13.24 -0.92 -15.07
N ILE B 198 13.32 -0.21 -13.94
CA ILE B 198 13.07 -0.79 -12.62
C ILE B 198 11.86 -0.10 -12.02
N VAL B 199 11.40 -0.61 -10.89
CA VAL B 199 10.28 0.01 -10.18
C VAL B 199 10.79 1.26 -9.46
N ILE B 200 10.19 2.40 -9.79
CA ILE B 200 10.52 3.70 -9.19
C ILE B 200 9.27 4.23 -8.52
N VAL B 201 9.42 4.72 -7.29
CA VAL B 201 8.32 5.38 -6.60
C VAL B 201 8.56 6.88 -6.56
N PRO B 202 7.49 7.68 -6.60
CA PRO B 202 7.65 9.14 -6.58
C PRO B 202 8.17 9.65 -5.25
N ASP B 203 7.82 8.99 -4.16
CA ASP B 203 8.28 9.39 -2.84
C ASP B 203 8.22 8.18 -1.92
N THR B 204 8.82 8.33 -0.74
CA THR B 204 8.98 7.18 0.17
C THR B 204 7.66 6.72 0.76
N SER B 205 6.59 7.50 0.62
CA SER B 205 5.33 7.07 1.17
C SER B 205 4.83 5.82 0.45
N HIS B 206 5.36 5.55 -0.74
CA HIS B 206 4.98 4.36 -1.50
C HIS B 206 5.69 3.10 -1.04
N TYR B 207 6.76 3.25 -0.27
CA TYR B 207 7.53 2.13 0.25
C TYR B 207 6.76 1.58 1.43
N THR B 208 6.06 0.47 1.23
CA THR B 208 5.32 -0.21 2.28
C THR B 208 5.68 -1.68 2.19
N LEU B 209 5.50 -2.41 3.29
CA LEU B 209 5.82 -3.83 3.23
C LEU B 209 5.06 -4.49 2.11
N GLU B 210 3.78 -4.15 1.98
CA GLU B 210 2.95 -4.78 0.94
C GLU B 210 3.39 -4.38 -0.46
N PHE B 211 3.81 -3.12 -0.65
CA PHE B 211 4.34 -2.75 -1.96
C PHE B 211 5.60 -3.55 -2.28
N LEU B 212 6.50 -3.70 -1.30
CA LEU B 212 7.70 -4.49 -1.51
C LEU B 212 7.35 -5.94 -1.87
N LYS B 213 6.32 -6.49 -1.24
CA LYS B 213 5.91 -7.86 -1.53
C LYS B 213 5.37 -7.96 -2.95
N GLU B 214 4.51 -7.02 -3.35
CA GLU B 214 4.03 -6.99 -4.73
C GLU B 214 5.18 -6.95 -5.73
N VAL B 215 6.18 -6.10 -5.47
CA VAL B 215 7.29 -5.97 -6.37
C VAL B 215 8.04 -7.27 -6.47
N FTR B 216 8.42 -7.77 -5.33
CA FTR B 216 9.13 -8.99 -5.23
CB FTR B 216 9.20 -9.44 -3.80
CG FTR B 216 9.90 -10.76 -3.65
CD2 FTR B 216 11.30 -10.94 -3.72
CE2 FTR B 216 11.45 -12.36 -3.50
CE3 FTR B 216 12.33 -10.09 -3.92
CD1 FTR B 216 9.39 -12.01 -3.41
NE1 FTR B 216 10.30 -12.93 -3.32
CZ2 FTR B 216 12.68 -12.78 -3.52
CZ3 FTR B 216 13.58 -10.61 -3.92
F FTR B 216 14.66 -9.91 -4.13
CH2 FTR B 216 13.72 -11.94 -3.72
C FTR B 216 8.49 -10.08 -6.05
O FTR B 216 9.16 -10.74 -6.78
N LEU B 217 7.18 -10.27 -5.83
CA LEU B 217 6.44 -11.37 -6.41
C LEU B 217 6.38 -11.23 -7.91
N GLN B 218 5.91 -10.07 -8.36
CA GLN B 218 5.92 -9.72 -9.76
C GLN B 218 7.28 -10.01 -10.37
N LYS B 219 8.36 -9.81 -9.64
CA LYS B 219 9.64 -10.15 -10.16
C LYS B 219 9.83 -11.62 -10.34
N GLN B 220 9.49 -12.38 -9.34
CA GLN B 220 9.64 -13.80 -9.37
C GLN B 220 8.89 -14.28 -10.55
N LYS B 221 7.76 -13.71 -10.76
CA LYS B 221 7.00 -13.75 -11.99
C LYS B 221 5.74 -14.53 -11.81
F1 MGF C . -25.18 -5.42 -0.49
MG MGF C . -24.05 -6.57 0.14
F2 MGF C . -23.94 -7.27 1.93
F3 MGF C . -23.00 -8.03 -0.92
MG MG D . -21.37 -7.66 -1.65
C1 G6P E . -26.51 -8.64 -0.75
C2 G6P E . -26.03 -9.23 -2.08
C3 G6P E . -27.08 -9.39 -3.11
C4 G6P E . -28.47 -9.61 -2.55
C5 G6P E . -28.85 -8.41 -1.71
C6 G6P E . -30.20 -8.55 -1.05
O1 G6P E . -25.62 -7.67 -0.28
O2 G6P E . -24.90 -8.52 -2.63
O3 G6P E . -26.71 -10.62 -3.83
O4 G6P E . -29.35 -9.78 -3.63
O5 G6P E . -27.89 -8.12 -0.65
O6 G6P E . -30.12 -9.67 -0.16
P G6P E . -31.40 -10.27 0.72
O1P G6P E . -30.85 -11.15 1.81
O2P G6P E . -32.18 -11.11 -0.21
O3P G6P E . -32.32 -9.19 1.21
MG MG F . -23.01 -0.99 19.82
MG MG G . 21.27 8.18 -1.35
MG MG H . 54.00 18.13 -0.81
C1 G6P I . 26.07 9.30 1.08
C2 G6P I . 25.71 10.20 -0.14
C3 G6P I . 26.89 10.82 -0.83
C4 G6P I . 28.02 10.95 0.18
C5 G6P I . 28.52 9.61 0.67
C6 G6P I . 29.66 9.71 1.66
O1 G6P I . 25.30 8.21 1.21
O2 G6P I . 24.77 9.56 -1.05
O3 G6P I . 26.49 12.15 -1.39
O4 G6P I . 29.12 11.60 -0.37
O5 G6P I . 27.44 8.81 1.32
O6 G6P I . 29.15 10.29 2.87
P G6P I . 30.14 10.77 4.12
O1P G6P I . 31.01 9.61 4.54
O2P G6P I . 29.22 11.23 5.19
O3P G6P I . 30.87 11.93 3.61
F1 MGF J . 25.17 5.95 0.31
MG MGF J . 23.68 6.82 0.79
F2 MGF J . 23.10 7.06 2.51
F3 MGF J . 22.80 8.13 -0.31
#